data_8BZW
#
_entry.id   8BZW
#
_cell.length_a   81.806
_cell.length_b   112.014
_cell.length_c   62.335
_cell.angle_alpha   90.00
_cell.angle_beta   90.00
_cell.angle_gamma   90.00
#
_symmetry.space_group_name_H-M   'C 2 2 21'
#
loop_
_entity.id
_entity.type
_entity.pdbx_description
1 polymer '14-3-3 protein sigma'
2 polymer 'ERalpha peptide'
3 non-polymer 'MAGNESIUM ION'
4 non-polymer 4-[(2~{R})-3-azanyl-2-methyl-propyl]-7-methoxy-1-benzothiophene-2-carboximidamide
5 non-polymer 2-(4-chloranylphenoxy)-2-methyl-~{N}-(2-sulfanylethyl)propanamide
6 water water
#
loop_
_entity_poly.entity_id
_entity_poly.type
_entity_poly.pdbx_seq_one_letter_code
_entity_poly.pdbx_strand_id
1 'polypeptide(L)'
;GAMGSMERASLIQKAKLAEQAERYEDMAAFMKGAVEKGEELSNEERCLLSVAYKNVVGGQRAAWRVLSSIEQKSNEEGSE
EKGPEVREYREKVETELQGVCDTVLGLLDSHLIKEAGDAESRVFYLKMKGDYYRYLAEVATGDDKKRIIDSARSAYQEAM
DISKKEMPPTNPIRLGLALNFSVFHYEIANSPEEAISLAKTTFDEAMADLHTLSEDSYKDSTLIMQLLRDNLTLWT
;
A
2 'polypeptide(L)' GFPA(TPO)V B
#
# COMPACT_ATOMS: atom_id res chain seq x y z
N GLY A 1 1.43 -3.53 24.94
CA GLY A 1 1.53 -2.38 23.99
C GLY A 1 2.10 -1.16 24.67
N ALA A 2 3.24 -0.68 24.16
CA ALA A 2 3.96 0.43 24.79
C ALA A 2 3.18 1.73 24.74
N MET A 3 2.18 1.83 23.86
CA MET A 3 1.30 2.99 23.79
C MET A 3 0.03 2.81 24.61
N GLY A 4 -0.10 1.70 25.34
CA GLY A 4 -1.33 1.41 26.06
C GLY A 4 -1.71 2.44 27.10
N SER A 5 -0.72 3.15 27.65
CA SER A 5 -1.01 4.12 28.69
C SER A 5 -1.28 5.52 28.16
N MET A 6 -1.13 5.75 26.85
CA MET A 6 -1.35 7.07 26.29
C MET A 6 -2.77 7.22 25.76
N GLU A 7 -3.39 8.36 26.03
CA GLU A 7 -4.72 8.65 25.51
C GLU A 7 -4.77 8.53 23.99
N ARG A 8 -5.92 8.04 23.50
CA ARG A 8 -6.14 7.99 22.05
C ARG A 8 -5.88 9.34 21.40
N ALA A 9 -6.46 10.41 21.95
CA ALA A 9 -6.35 11.71 21.31
C ALA A 9 -4.90 12.19 21.29
N SER A 10 -4.14 11.85 22.34
CA SER A 10 -2.74 12.22 22.41
C SER A 10 -1.91 11.47 21.37
N LEU A 11 -2.24 10.19 21.17
CA LEU A 11 -1.57 9.43 20.12
C LEU A 11 -1.81 10.03 18.75
N ILE A 12 -3.05 10.42 18.46
CA ILE A 12 -3.34 11.03 17.17
C ILE A 12 -2.61 12.36 17.03
N GLN A 13 -2.62 13.17 18.08
CA GLN A 13 -1.90 14.45 18.05
C GLN A 13 -0.41 14.22 17.79
N LYS A 14 0.18 13.25 18.47
CA LYS A 14 1.60 12.99 18.27
C LYS A 14 1.89 12.39 16.91
N ALA A 15 0.97 11.60 16.35
CA ALA A 15 1.16 11.12 14.99
C ALA A 15 1.25 12.29 14.02
N LYS A 16 0.42 13.31 14.20
CA LYS A 16 0.46 14.48 13.34
C LYS A 16 1.76 15.23 13.52
N LEU A 17 2.25 15.34 14.76
CA LEU A 17 3.54 16.00 15.00
C LEU A 17 4.67 15.21 14.36
N ALA A 18 4.64 13.88 14.51
CA ALA A 18 5.67 13.03 13.93
C ALA A 18 5.69 13.19 12.42
N GLU A 19 4.52 13.29 11.80
CA GLU A 19 4.48 13.53 10.36
C GLU A 19 5.17 14.84 10.01
N GLN A 20 4.88 15.91 10.75
CA GLN A 20 5.51 17.20 10.48
C GLN A 20 7.02 17.13 10.64
N ALA A 21 7.51 16.31 11.57
CA ALA A 21 8.93 16.13 11.80
C ALA A 21 9.55 15.05 10.92
N GLU A 22 8.78 14.46 10.01
CA GLU A 22 9.24 13.38 9.13
C GLU A 22 9.84 12.22 9.93
N ARG A 23 9.17 11.89 11.05
CA ARG A 23 9.53 10.79 11.93
C ARG A 23 8.48 9.70 11.72
N TYR A 24 8.59 8.99 10.59
CA TYR A 24 7.50 8.11 10.19
C TYR A 24 7.43 6.84 11.01
N GLU A 25 8.56 6.34 11.53
CA GLU A 25 8.49 5.21 12.43
C GLU A 25 7.72 5.57 13.70
N ASP A 26 7.99 6.74 14.27
CA ASP A 26 7.22 7.19 15.42
C ASP A 26 5.75 7.33 15.05
N MET A 27 5.47 7.97 13.89
CA MET A 27 4.11 8.13 13.41
C MET A 27 3.36 6.81 13.36
N ALA A 28 4.01 5.80 12.81
CA ALA A 28 3.39 4.49 12.73
C ALA A 28 3.15 3.88 14.10
N ALA A 29 4.11 4.02 15.01
CA ALA A 29 3.94 3.50 16.36
C ALA A 29 2.77 4.17 17.07
N PHE A 30 2.64 5.50 16.91
CA PHE A 30 1.52 6.20 17.52
C PHE A 30 0.19 5.74 16.94
N MET A 31 0.13 5.58 15.62
CA MET A 31 -1.11 5.14 14.99
C MET A 31 -1.45 3.69 15.33
N LYS A 32 -0.46 2.81 15.43
CA LYS A 32 -0.71 1.46 15.93
C LYS A 32 -1.34 1.52 17.32
N GLY A 33 -0.78 2.34 18.20
CA GLY A 33 -1.37 2.51 19.51
C GLY A 33 -2.81 3.01 19.45
N ALA A 34 -3.07 3.97 18.55
CA ALA A 34 -4.43 4.48 18.41
C ALA A 34 -5.39 3.37 17.93
N VAL A 35 -4.98 2.61 16.91
CA VAL A 35 -5.83 1.51 16.46
C VAL A 35 -6.13 0.54 17.60
N GLU A 36 -5.10 0.23 18.38
CA GLU A 36 -5.25 -0.73 19.47
C GLU A 36 -6.17 -0.26 20.59
N LYS A 37 -6.60 1.01 20.59
CA LYS A 37 -7.63 1.42 21.53
C LYS A 37 -8.97 0.74 21.26
N GLY A 38 -9.18 0.22 20.05
CA GLY A 38 -10.34 -0.57 19.75
C GLY A 38 -11.47 0.19 19.09
N GLU A 39 -11.42 1.50 19.04
CA GLU A 39 -12.44 2.29 18.38
C GLU A 39 -12.18 2.37 16.89
N GLU A 40 -13.24 2.53 16.11
CA GLU A 40 -13.08 2.75 14.67
C GLU A 40 -12.30 4.03 14.43
N LEU A 41 -11.71 4.13 13.25
CA LEU A 41 -10.94 5.30 12.85
C LEU A 41 -11.77 6.20 11.95
N SER A 42 -11.57 7.50 12.06
CA SER A 42 -12.15 8.45 11.14
C SER A 42 -11.41 8.46 9.81
N ASN A 43 -11.95 9.20 8.84
CA ASN A 43 -11.28 9.31 7.55
C ASN A 43 -9.86 9.82 7.70
N GLU A 44 -9.68 10.89 8.47
CA GLU A 44 -8.36 11.47 8.65
C GLU A 44 -7.43 10.50 9.37
N GLU A 45 -7.96 9.81 10.38
CA GLU A 45 -7.14 8.85 11.12
C GLU A 45 -6.69 7.69 10.23
N ARG A 46 -7.56 7.22 9.34
CA ARG A 46 -7.15 6.21 8.38
C ARG A 46 -6.02 6.70 7.50
N CYS A 47 -6.11 7.97 7.05
CA CYS A 47 -5.02 8.54 6.29
C CYS A 47 -3.73 8.58 7.10
N LEU A 48 -3.79 8.97 8.36
CA LEU A 48 -2.57 9.00 9.16
C LEU A 48 -1.95 7.63 9.28
N LEU A 49 -2.77 6.60 9.51
CA LEU A 49 -2.27 5.24 9.60
C LEU A 49 -1.58 4.84 8.30
N SER A 50 -2.25 5.09 7.19
CA SER A 50 -1.72 4.69 5.90
C SER A 50 -0.46 5.45 5.53
N VAL A 51 -0.43 6.75 5.77
CA VAL A 51 0.76 7.53 5.46
C VAL A 51 1.96 7.03 6.26
N ALA A 52 1.75 6.78 7.55
CA ALA A 52 2.85 6.37 8.40
C ALA A 52 3.48 5.07 7.89
N TYR A 53 2.66 4.03 7.72
CA TYR A 53 3.21 2.75 7.31
C TYR A 53 3.68 2.76 5.86
N LYS A 54 3.03 3.50 4.98
CA LYS A 54 3.49 3.60 3.60
C LYS A 54 4.92 4.14 3.55
N ASN A 55 5.22 5.14 4.37
CA ASN A 55 6.56 5.73 4.40
C ASN A 55 7.56 4.75 5.02
N VAL A 56 7.20 4.09 6.11
CA VAL A 56 8.12 3.13 6.73
C VAL A 56 8.44 2.02 5.74
N VAL A 57 7.40 1.38 5.20
CA VAL A 57 7.66 0.23 4.33
C VAL A 57 8.26 0.68 3.02
N GLY A 58 7.93 1.88 2.56
CA GLY A 58 8.54 2.37 1.33
C GLY A 58 10.04 2.48 1.46
N GLY A 59 10.52 2.97 2.61
CA GLY A 59 11.95 3.02 2.82
C GLY A 59 12.58 1.65 2.88
N GLN A 60 11.90 0.70 3.51
CA GLN A 60 12.42 -0.66 3.59
C GLN A 60 12.48 -1.30 2.21
N ARG A 61 11.45 -1.07 1.39
CA ARG A 61 11.43 -1.63 0.03
C ARG A 61 12.57 -1.05 -0.78
N ALA A 62 12.79 0.26 -0.69
CA ALA A 62 13.87 0.87 -1.45
C ALA A 62 15.22 0.28 -1.05
N ALA A 63 15.42 0.08 0.25
CA ALA A 63 16.68 -0.49 0.74
C ALA A 63 16.81 -1.94 0.28
N TRP A 64 15.72 -2.71 0.38
CA TRP A 64 15.74 -4.09 -0.07
C TRP A 64 16.12 -4.18 -1.54
N ARG A 65 15.59 -3.27 -2.37
CA ARG A 65 15.91 -3.32 -3.79
C ARG A 65 17.39 -3.03 -4.04
N VAL A 66 17.96 -2.07 -3.32
CA VAL A 66 19.37 -1.79 -3.46
C VAL A 66 20.18 -3.03 -3.13
N LEU A 67 19.86 -3.65 -2.00
CA LEU A 67 20.64 -4.80 -1.54
C LEU A 67 20.43 -6.00 -2.45
N SER A 68 19.20 -6.21 -2.93
CA SER A 68 18.93 -7.33 -3.82
C SER A 68 19.69 -7.17 -5.13
N SER A 69 19.80 -5.93 -5.62
CA SER A 69 20.57 -5.69 -6.83
C SER A 69 22.04 -6.02 -6.61
N ILE A 70 22.61 -5.58 -5.49
CA ILE A 70 24.00 -5.90 -5.18
C ILE A 70 24.17 -7.42 -5.07
N GLU A 71 23.21 -8.09 -4.45
CA GLU A 71 23.28 -9.54 -4.31
C GLU A 71 23.24 -10.24 -5.66
N GLN A 72 22.36 -9.78 -6.55
CA GLN A 72 22.28 -10.36 -7.89
C GLN A 72 23.60 -10.22 -8.62
N LYS A 73 24.20 -9.03 -8.59
CA LYS A 73 25.48 -8.82 -9.26
C LYS A 73 26.58 -9.66 -8.63
N SER A 74 26.52 -9.88 -7.32
CA SER A 74 27.53 -10.70 -6.66
C SER A 74 27.46 -12.16 -7.11
N ASN A 75 26.32 -12.58 -7.67
CA ASN A 75 26.14 -13.96 -8.09
C ASN A 75 26.30 -14.16 -9.59
N GLU A 76 26.68 -13.12 -10.34
CA GLU A 76 26.90 -13.28 -11.77
C GLU A 76 28.24 -13.96 -12.02
N GLU A 77 28.38 -14.51 -13.22
CA GLU A 77 29.63 -15.15 -13.61
C GLU A 77 30.75 -14.12 -13.67
N GLY A 78 31.87 -14.44 -13.03
CA GLY A 78 33.02 -13.57 -13.00
C GLY A 78 33.14 -12.73 -11.75
N SER A 79 32.08 -12.63 -10.96
CA SER A 79 32.12 -11.82 -9.75
C SER A 79 32.98 -12.50 -8.69
N GLU A 80 33.68 -11.69 -7.91
CA GLU A 80 34.51 -12.19 -6.82
C GLU A 80 33.61 -12.60 -5.66
N GLU A 81 33.87 -13.78 -5.09
CA GLU A 81 33.13 -14.22 -3.92
C GLU A 81 33.46 -13.29 -2.76
N LYS A 82 32.44 -12.76 -2.09
CA LYS A 82 32.65 -11.84 -0.98
C LYS A 82 31.97 -12.31 0.29
N GLY A 83 31.52 -13.56 0.35
CA GLY A 83 31.01 -14.13 1.57
C GLY A 83 29.51 -13.99 1.71
N PRO A 84 29.00 -14.37 2.87
CA PRO A 84 27.55 -14.38 3.11
C PRO A 84 26.96 -13.01 3.45
N GLU A 85 27.77 -11.96 3.54
CA GLU A 85 27.30 -10.73 4.17
C GLU A 85 26.19 -10.04 3.38
N VAL A 86 26.28 -9.98 2.05
CA VAL A 86 25.23 -9.30 1.29
C VAL A 86 23.91 -10.01 1.49
N ARG A 87 23.91 -11.34 1.37
CA ARG A 87 22.69 -12.10 1.58
C ARG A 87 22.16 -11.89 2.99
N GLU A 88 23.07 -11.93 3.97
CA GLU A 88 22.62 -11.79 5.36
C GLU A 88 21.95 -10.44 5.56
N TYR A 89 22.55 -9.38 5.04
CA TYR A 89 22.00 -8.06 5.31
C TYR A 89 20.72 -7.83 4.51
N ARG A 90 20.65 -8.32 3.27
CA ARG A 90 19.38 -8.30 2.54
C ARG A 90 18.31 -9.04 3.34
N GLU A 91 18.66 -10.21 3.90
CA GLU A 91 17.70 -10.97 4.70
C GLU A 91 17.28 -10.19 5.95
N LYS A 92 18.21 -9.47 6.56
CA LYS A 92 17.86 -8.68 7.75
C LYS A 92 16.82 -7.62 7.41
N VAL A 93 17.07 -6.88 6.33
CA VAL A 93 16.11 -5.86 5.90
C VAL A 93 14.78 -6.50 5.50
N GLU A 94 14.85 -7.63 4.78
CA GLU A 94 13.65 -8.34 4.36
C GLU A 94 12.82 -8.77 5.55
N THR A 95 13.47 -9.28 6.60
CA THR A 95 12.72 -9.75 7.77
C THR A 95 12.06 -8.58 8.50
N GLU A 96 12.73 -7.44 8.55
CA GLU A 96 12.12 -6.26 9.15
C GLU A 96 10.94 -5.78 8.34
N LEU A 97 11.07 -5.77 7.01
CA LEU A 97 9.96 -5.42 6.13
C LEU A 97 8.78 -6.36 6.34
N GLN A 98 9.04 -7.65 6.37
CA GLN A 98 7.97 -8.61 6.58
C GLN A 98 7.31 -8.38 7.93
N GLY A 99 8.09 -8.01 8.93
CA GLY A 99 7.52 -7.73 10.23
C GLY A 99 6.58 -6.54 10.22
N VAL A 100 6.95 -5.48 9.51
CA VAL A 100 6.06 -4.33 9.38
C VAL A 100 4.78 -4.73 8.64
N CYS A 101 4.92 -5.46 7.54
CA CYS A 101 3.73 -5.91 6.81
C CYS A 101 2.84 -6.75 7.71
N ASP A 102 3.42 -7.68 8.47
CA ASP A 102 2.64 -8.49 9.37
C ASP A 102 1.93 -7.65 10.41
N THR A 103 2.60 -6.60 10.90
CA THR A 103 1.96 -5.72 11.87
C THR A 103 0.75 -5.02 11.27
N VAL A 104 0.90 -4.48 10.07
CA VAL A 104 -0.23 -3.78 9.45
C VAL A 104 -1.37 -4.75 9.17
N LEU A 105 -1.04 -5.91 8.58
CA LEU A 105 -2.08 -6.89 8.31
C LEU A 105 -2.75 -7.33 9.60
N GLY A 106 -1.98 -7.40 10.69
CA GLY A 106 -2.57 -7.75 11.97
C GLY A 106 -3.56 -6.72 12.47
N LEU A 107 -3.24 -5.43 12.30
CA LEU A 107 -4.19 -4.40 12.69
C LEU A 107 -5.46 -4.48 11.85
N LEU A 108 -5.30 -4.73 10.55
CA LEU A 108 -6.46 -4.84 9.67
C LEU A 108 -7.35 -6.02 10.06
N ASP A 109 -6.74 -7.14 10.43
CA ASP A 109 -7.50 -8.31 10.80
C ASP A 109 -8.02 -8.26 12.24
N SER A 110 -7.43 -7.44 13.08
CA SER A 110 -7.78 -7.40 14.51
C SER A 110 -7.83 -5.93 14.95
N HIS A 111 -8.91 -5.20 14.63
CA HIS A 111 -10.15 -5.71 14.05
C HIS A 111 -10.73 -4.66 13.09
N LEU A 112 -9.87 -3.97 12.36
CA LEU A 112 -10.35 -2.83 11.58
C LEU A 112 -11.34 -3.25 10.50
N ILE A 113 -11.01 -4.27 9.72
CA ILE A 113 -11.86 -4.61 8.58
C ILE A 113 -13.23 -5.07 9.05
N LYS A 114 -13.29 -5.92 10.09
CA LYS A 114 -14.57 -6.50 10.45
C LYS A 114 -15.54 -5.45 10.98
N GLU A 115 -15.08 -4.31 11.49
CA GLU A 115 -15.97 -3.25 11.93
C GLU A 115 -16.24 -2.20 10.88
N ALA A 116 -15.63 -2.30 9.70
CA ALA A 116 -15.73 -1.28 8.66
C ALA A 116 -16.90 -1.60 7.75
N GLY A 117 -17.97 -0.82 7.87
CA GLY A 117 -19.19 -1.04 7.12
C GLY A 117 -19.42 -0.05 5.99
N ASP A 118 -18.95 1.18 6.13
CA ASP A 118 -19.12 2.15 5.07
C ASP A 118 -18.09 1.90 3.98
N ALA A 119 -18.46 2.18 2.72
CA ALA A 119 -17.49 1.93 1.64
C ALA A 119 -16.19 2.68 1.85
N GLU A 120 -16.25 3.92 2.33
CA GLU A 120 -15.03 4.71 2.44
C GLU A 120 -14.03 4.11 3.41
N SER A 121 -14.52 3.41 4.43
CA SER A 121 -13.60 2.75 5.35
C SER A 121 -13.24 1.36 4.86
N ARG A 122 -14.24 0.58 4.45
CA ARG A 122 -13.98 -0.82 4.10
C ARG A 122 -13.10 -0.94 2.87
N VAL A 123 -13.39 -0.16 1.82
CA VAL A 123 -12.54 -0.18 0.63
C VAL A 123 -11.12 0.23 0.97
N PHE A 124 -10.97 1.27 1.80
CA PHE A 124 -9.65 1.75 2.18
C PHE A 124 -8.85 0.64 2.89
N TYR A 125 -9.47 -0.05 3.84
CA TYR A 125 -8.75 -1.09 4.57
C TYR A 125 -8.44 -2.30 3.68
N LEU A 126 -9.38 -2.68 2.81
CA LEU A 126 -9.13 -3.81 1.92
C LEU A 126 -8.04 -3.48 0.93
N LYS A 127 -7.99 -2.23 0.46
CA LYS A 127 -6.87 -1.80 -0.37
C LYS A 127 -5.56 -1.94 0.39
N MET A 128 -5.53 -1.49 1.64
CA MET A 128 -4.32 -1.63 2.43
C MET A 128 -3.93 -3.10 2.57
N LYS A 129 -4.92 -3.97 2.79
CA LYS A 129 -4.61 -5.41 2.90
C LYS A 129 -3.95 -5.90 1.62
N GLY A 130 -4.51 -5.52 0.45
CA GLY A 130 -3.88 -5.88 -0.80
C GLY A 130 -2.47 -5.33 -0.92
N ASP A 131 -2.28 -4.07 -0.52
CA ASP A 131 -0.97 -3.44 -0.62
C ASP A 131 0.07 -4.19 0.21
N TYR A 132 -0.24 -4.53 1.46
CA TYR A 132 0.77 -5.14 2.34
C TYR A 132 1.01 -6.61 1.97
N TYR A 133 0.01 -7.33 1.47
CA TYR A 133 0.31 -8.62 0.87
C TYR A 133 1.13 -8.46 -0.40
N ARG A 134 0.91 -7.40 -1.18
CA ARG A 134 1.75 -7.16 -2.35
C ARG A 134 3.20 -6.93 -1.94
N TYR A 135 3.44 -6.18 -0.87
CA TYR A 135 4.82 -5.98 -0.44
C TYR A 135 5.44 -7.29 0.04
N LEU A 136 4.67 -8.13 0.73
CA LEU A 136 5.17 -9.46 1.06
C LEU A 136 5.48 -10.26 -0.20
N ALA A 137 4.63 -10.12 -1.23
CA ALA A 137 4.85 -10.88 -2.47
C ALA A 137 6.11 -10.42 -3.18
N GLU A 138 6.46 -9.15 -3.06
CA GLU A 138 7.65 -8.65 -3.72
C GLU A 138 8.91 -9.38 -3.26
N VAL A 139 8.93 -9.86 -2.01
CA VAL A 139 10.12 -10.50 -1.46
C VAL A 139 9.95 -12.00 -1.29
N ALA A 140 8.79 -12.55 -1.61
CA ALA A 140 8.49 -13.94 -1.30
C ALA A 140 9.15 -14.89 -2.27
N THR A 141 9.62 -16.05 -1.75
CA THR A 141 10.22 -17.09 -2.56
C THR A 141 9.84 -18.52 -2.16
N GLY A 142 9.04 -18.73 -1.11
CA GLY A 142 8.83 -20.03 -0.54
C GLY A 142 7.57 -20.75 -1.01
N ASP A 143 7.24 -21.83 -0.28
CA ASP A 143 6.06 -22.64 -0.61
C ASP A 143 4.79 -21.80 -0.68
N ASP A 144 4.74 -20.71 0.09
CA ASP A 144 3.52 -19.93 0.24
C ASP A 144 3.44 -18.72 -0.71
N LYS A 145 4.36 -18.61 -1.65
CA LYS A 145 4.39 -17.43 -2.52
C LYS A 145 3.07 -17.27 -3.27
N LYS A 146 2.56 -18.35 -3.84
CA LYS A 146 1.33 -18.22 -4.61
C LYS A 146 0.16 -17.84 -3.71
N ARG A 147 0.14 -18.35 -2.48
CA ARG A 147 -0.92 -17.97 -1.55
C ARG A 147 -0.79 -16.51 -1.14
N ILE A 148 0.44 -16.00 -1.00
CA ILE A 148 0.61 -14.58 -0.67
C ILE A 148 0.07 -13.72 -1.81
N ILE A 149 0.45 -14.06 -3.05
CA ILE A 149 -0.06 -13.33 -4.21
C ILE A 149 -1.58 -13.41 -4.25
N ASP A 150 -2.14 -14.60 -4.00
CA ASP A 150 -3.59 -14.71 -4.05
C ASP A 150 -4.28 -13.94 -2.94
N SER A 151 -3.65 -13.83 -1.76
CA SER A 151 -4.21 -13.01 -0.69
C SER A 151 -4.27 -11.55 -1.10
N ALA A 152 -3.22 -11.05 -1.75
CA ALA A 152 -3.27 -9.68 -2.26
C ALA A 152 -4.40 -9.53 -3.27
N ARG A 153 -4.45 -10.44 -4.25
CA ARG A 153 -5.49 -10.39 -5.28
C ARG A 153 -6.87 -10.38 -4.67
N SER A 154 -7.11 -11.29 -3.71
CA SER A 154 -8.44 -11.42 -3.11
C SER A 154 -8.85 -10.15 -2.39
N ALA A 155 -7.94 -9.54 -1.62
CA ALA A 155 -8.28 -8.31 -0.92
C ALA A 155 -8.57 -7.19 -1.90
N TYR A 156 -7.71 -7.01 -2.90
CA TYR A 156 -7.96 -6.00 -3.93
C TYR A 156 -9.29 -6.24 -4.62
N GLN A 157 -9.61 -7.51 -4.92
CA GLN A 157 -10.82 -7.79 -5.65
C GLN A 157 -12.07 -7.46 -4.83
N GLU A 158 -12.06 -7.80 -3.54
CA GLU A 158 -13.20 -7.43 -2.70
C GLU A 158 -13.34 -5.91 -2.64
N ALA A 159 -12.22 -5.20 -2.50
CA ALA A 159 -12.26 -3.75 -2.49
C ALA A 159 -12.83 -3.21 -3.79
N MET A 160 -12.41 -3.78 -4.92
CA MET A 160 -12.88 -3.34 -6.22
C MET A 160 -14.37 -3.55 -6.35
N ASP A 161 -14.84 -4.72 -5.92
CA ASP A 161 -16.26 -5.01 -6.05
C ASP A 161 -17.11 -4.00 -5.27
N ILE A 162 -16.71 -3.70 -4.03
CA ILE A 162 -17.44 -2.72 -3.23
C ILE A 162 -17.34 -1.34 -3.87
N SER A 163 -16.14 -0.96 -4.29
CA SER A 163 -15.93 0.38 -4.83
C SER A 163 -16.78 0.62 -6.06
N LYS A 164 -16.92 -0.38 -6.92
CA LYS A 164 -17.70 -0.19 -8.14
C LYS A 164 -19.18 -0.09 -7.85
N LYS A 165 -19.65 -0.72 -6.78
CA LYS A 165 -21.06 -0.64 -6.42
C LYS A 165 -21.39 0.61 -5.61
N GLU A 166 -20.46 1.08 -4.78
CA GLU A 166 -20.79 2.05 -3.74
C GLU A 166 -20.12 3.41 -3.88
N MET A 167 -19.18 3.60 -4.79
CA MET A 167 -18.45 4.85 -4.91
C MET A 167 -18.54 5.34 -6.33
N PRO A 168 -18.53 6.66 -6.54
CA PRO A 168 -18.46 7.17 -7.89
C PRO A 168 -17.11 6.90 -8.50
N PRO A 169 -17.02 6.89 -9.83
CA PRO A 169 -15.75 6.54 -10.49
C PRO A 169 -14.62 7.51 -10.22
N THR A 170 -14.93 8.72 -9.72
CA THR A 170 -13.90 9.70 -9.40
C THR A 170 -13.47 9.67 -7.93
N ASN A 171 -14.08 8.85 -7.09
CA ASN A 171 -13.70 8.84 -5.68
CA ASN A 171 -13.70 8.84 -5.68
C ASN A 171 -12.21 8.55 -5.56
N PRO A 172 -11.43 9.38 -4.89
CA PRO A 172 -9.98 9.13 -4.84
C PRO A 172 -9.57 7.78 -4.29
N ILE A 173 -10.33 7.22 -3.34
CA ILE A 173 -10.01 5.89 -2.82
C ILE A 173 -10.23 4.84 -3.89
N ARG A 174 -11.34 4.93 -4.62
CA ARG A 174 -11.58 4.03 -5.74
C ARG A 174 -10.45 4.15 -6.77
N LEU A 175 -10.04 5.36 -7.08
CA LEU A 175 -8.98 5.56 -8.07
C LEU A 175 -7.66 5.01 -7.58
N GLY A 176 -7.30 5.27 -6.32
CA GLY A 176 -6.03 4.76 -5.81
C GLY A 176 -6.02 3.25 -5.70
N LEU A 177 -7.14 2.66 -5.32
CA LEU A 177 -7.25 1.21 -5.33
C LEU A 177 -6.97 0.66 -6.72
N ALA A 178 -7.62 1.23 -7.75
CA ALA A 178 -7.43 0.74 -9.11
C ALA A 178 -5.98 0.94 -9.55
N LEU A 179 -5.39 2.09 -9.23
CA LEU A 179 -3.99 2.33 -9.54
C LEU A 179 -3.12 1.22 -8.98
N ASN A 180 -3.31 0.90 -7.70
CA ASN A 180 -2.45 -0.07 -7.05
C ASN A 180 -2.74 -1.49 -7.51
N PHE A 181 -4.02 -1.85 -7.73
CA PHE A 181 -4.33 -3.19 -8.22
C PHE A 181 -3.78 -3.37 -9.63
N SER A 182 -3.79 -2.31 -10.43
CA SER A 182 -3.16 -2.35 -11.75
C SER A 182 -1.67 -2.62 -11.63
N VAL A 183 -0.98 -1.94 -10.71
CA VAL A 183 0.43 -2.23 -10.46
C VAL A 183 0.63 -3.67 -9.99
N PHE A 184 -0.23 -4.17 -9.11
CA PHE A 184 -0.20 -5.58 -8.74
C PHE A 184 -0.23 -6.48 -9.97
N HIS A 185 -1.18 -6.23 -10.89
CA HIS A 185 -1.25 -7.06 -12.08
C HIS A 185 0.06 -7.00 -12.86
N TYR A 186 0.63 -5.81 -13.00
CA TYR A 186 1.80 -5.64 -13.85
C TYR A 186 3.04 -6.25 -13.22
N GLU A 187 3.28 -5.96 -11.94
N GLU A 187 3.28 -5.97 -11.95
CA GLU A 187 4.55 -6.24 -11.30
CA GLU A 187 4.55 -6.30 -11.32
C GLU A 187 4.58 -7.51 -10.44
C GLU A 187 4.54 -7.64 -10.61
N ILE A 188 3.42 -8.05 -10.06
CA ILE A 188 3.33 -9.23 -9.22
C ILE A 188 2.74 -10.40 -9.96
N ALA A 189 1.63 -10.18 -10.66
CA ALA A 189 0.89 -11.27 -11.27
C ALA A 189 1.30 -11.54 -12.70
N ASN A 190 2.28 -10.84 -13.23
CA ASN A 190 2.75 -11.08 -14.60
C ASN A 190 1.61 -10.93 -15.61
N SER A 191 0.76 -9.93 -15.39
CA SER A 191 -0.44 -9.69 -16.20
C SER A 191 -0.45 -8.26 -16.70
N PRO A 192 0.50 -7.89 -17.56
CA PRO A 192 0.54 -6.50 -18.02
C PRO A 192 -0.70 -6.08 -18.78
N GLU A 193 -1.33 -7.00 -19.53
CA GLU A 193 -2.53 -6.59 -20.25
C GLU A 193 -3.66 -6.22 -19.30
N GLU A 194 -3.85 -7.00 -18.24
CA GLU A 194 -4.86 -6.67 -17.25
C GLU A 194 -4.53 -5.36 -16.56
N ALA A 195 -3.26 -5.14 -16.28
CA ALA A 195 -2.82 -3.89 -15.65
C ALA A 195 -3.18 -2.69 -16.52
N ILE A 196 -2.90 -2.79 -17.81
CA ILE A 196 -3.15 -1.70 -18.73
C ILE A 196 -4.66 -1.50 -18.90
N SER A 197 -5.41 -2.58 -19.09
CA SER A 197 -6.84 -2.45 -19.25
C SER A 197 -7.47 -1.80 -18.03
N LEU A 198 -7.08 -2.23 -16.83
CA LEU A 198 -7.65 -1.66 -15.63
C LEU A 198 -7.33 -0.17 -15.52
N ALA A 199 -6.08 0.21 -15.76
CA ALA A 199 -5.73 1.62 -15.67
C ALA A 199 -6.50 2.46 -16.69
N LYS A 200 -6.62 1.96 -17.91
CA LYS A 200 -7.31 2.72 -18.95
C LYS A 200 -8.79 2.87 -18.64
N THR A 201 -9.46 1.77 -18.32
CA THR A 201 -10.88 1.85 -18.05
C THR A 201 -11.15 2.73 -16.84
N THR A 202 -10.31 2.62 -15.81
CA THR A 202 -10.48 3.47 -14.63
C THR A 202 -10.36 4.93 -15.00
N PHE A 203 -9.32 5.27 -15.77
CA PHE A 203 -9.11 6.65 -16.18
C PHE A 203 -10.31 7.18 -16.96
N ASP A 204 -10.77 6.40 -17.94
CA ASP A 204 -11.83 6.86 -18.82
C ASP A 204 -13.14 7.02 -18.06
N GLU A 205 -13.45 6.12 -17.16
CA GLU A 205 -14.69 6.24 -16.40
C GLU A 205 -14.62 7.42 -15.43
N ALA A 206 -13.45 7.71 -14.87
CA ALA A 206 -13.31 8.89 -14.04
C ALA A 206 -13.47 10.17 -14.86
N MET A 207 -12.83 10.22 -16.02
CA MET A 207 -12.95 11.38 -16.90
C MET A 207 -14.40 11.76 -17.12
N ALA A 208 -15.24 10.77 -17.41
CA ALA A 208 -16.63 11.00 -17.72
C ALA A 208 -17.45 11.48 -16.54
N ASP A 209 -16.95 11.35 -15.31
CA ASP A 209 -17.67 11.76 -14.10
C ASP A 209 -17.13 13.06 -13.51
N LEU A 210 -16.05 13.60 -14.07
CA LEU A 210 -15.47 14.82 -13.51
C LEU A 210 -16.46 15.98 -13.53
N HIS A 211 -17.40 15.98 -14.49
CA HIS A 211 -18.31 17.10 -14.63
C HIS A 211 -19.21 17.29 -13.42
N THR A 212 -19.35 16.25 -12.59
CA THR A 212 -20.21 16.31 -11.42
C THR A 212 -19.55 16.97 -10.22
N LEU A 213 -18.27 17.28 -10.29
CA LEU A 213 -17.48 17.60 -9.12
C LEU A 213 -17.29 19.08 -8.93
N SER A 214 -17.07 19.46 -7.68
CA SER A 214 -16.59 20.80 -7.34
C SER A 214 -15.13 20.95 -7.79
N GLU A 215 -14.67 22.19 -7.77
CA GLU A 215 -13.28 22.45 -8.12
C GLU A 215 -12.30 21.69 -7.23
N ASP A 216 -12.57 21.63 -5.91
CA ASP A 216 -11.63 20.96 -5.02
C ASP A 216 -11.63 19.45 -5.26
N SER A 217 -12.82 18.86 -5.42
CA SER A 217 -12.89 17.42 -5.71
C SER A 217 -12.23 17.11 -7.04
N TYR A 218 -12.44 17.97 -8.04
CA TYR A 218 -11.79 17.81 -9.34
C TYR A 218 -10.28 17.76 -9.19
N LYS A 219 -9.72 18.65 -8.38
CA LYS A 219 -8.28 18.62 -8.18
C LYS A 219 -7.84 17.29 -7.57
N ASP A 220 -8.58 16.80 -6.57
CA ASP A 220 -8.22 15.55 -5.92
C ASP A 220 -8.25 14.39 -6.90
N SER A 221 -9.33 14.29 -7.67
CA SER A 221 -9.49 13.16 -8.57
C SER A 221 -8.49 13.21 -9.71
N THR A 222 -8.28 14.39 -10.31
CA THR A 222 -7.38 14.48 -11.45
C THR A 222 -5.95 14.17 -11.04
N LEU A 223 -5.59 14.45 -9.79
CA LEU A 223 -4.25 14.11 -9.33
C LEU A 223 -4.00 12.61 -9.45
N ILE A 224 -4.96 11.79 -8.99
CA ILE A 224 -4.78 10.35 -9.08
C ILE A 224 -4.93 9.87 -10.52
N MET A 225 -5.84 10.50 -11.29
CA MET A 225 -5.91 10.18 -12.72
C MET A 225 -4.57 10.37 -13.41
N GLN A 226 -3.84 11.40 -13.06
CA GLN A 226 -2.54 11.61 -13.69
C GLN A 226 -1.58 10.47 -13.40
N LEU A 227 -1.66 9.88 -12.20
CA LEU A 227 -0.81 8.73 -11.89
C LEU A 227 -1.17 7.54 -12.76
N LEU A 228 -2.47 7.31 -13.00
CA LEU A 228 -2.88 6.26 -13.92
C LEU A 228 -2.28 6.49 -15.29
N ARG A 229 -2.37 7.73 -15.77
CA ARG A 229 -1.81 8.08 -17.07
C ARG A 229 -0.30 7.89 -17.08
N ASP A 230 0.38 8.28 -16.00
CA ASP A 230 1.82 8.10 -15.91
C ASP A 230 2.19 6.63 -16.07
N ASN A 231 1.47 5.75 -15.37
CA ASN A 231 1.76 4.32 -15.49
C ASN A 231 1.48 3.83 -16.90
N LEU A 232 0.36 4.25 -17.48
CA LEU A 232 0.06 3.84 -18.86
C LEU A 232 1.17 4.28 -19.80
N THR A 233 1.71 5.47 -19.58
CA THR A 233 2.81 5.95 -20.43
C THR A 233 4.06 5.08 -20.25
N LEU A 234 4.34 4.67 -19.01
CA LEU A 234 5.47 3.78 -18.77
C LEU A 234 5.30 2.45 -19.49
N TRP A 235 4.07 1.98 -19.60
CA TRP A 235 3.80 0.59 -19.98
C TRP A 235 3.45 0.42 -21.44
N THR A 236 3.29 1.51 -22.19
CA THR A 236 2.85 1.42 -23.58
C THR A 236 3.72 2.30 -24.49
N GLY B 1 11.14 2.11 -15.36
CA GLY B 1 10.64 2.96 -14.29
C GLY B 1 9.78 2.21 -13.28
N PHE B 2 9.82 2.68 -12.04
CA PHE B 2 9.05 2.11 -10.94
C PHE B 2 7.68 2.79 -10.91
N PRO B 3 6.57 2.04 -10.98
CA PRO B 3 5.28 2.69 -11.25
C PRO B 3 4.67 3.33 -10.01
N ALA B 4 3.74 4.25 -10.27
CA ALA B 4 3.10 5.00 -9.19
C ALA B 4 2.06 4.17 -8.44
N VAL B 6 -0.37 4.64 -4.52
CA VAL B 6 -0.70 5.56 -3.45
C VAL B 6 -1.18 4.84 -2.21
#